data_6PNM
#
_entry.id   6PNM
#
_cell.length_a   57.250
_cell.length_b   57.250
_cell.length_c   139.850
_cell.angle_alpha   90.00
_cell.angle_beta   90.00
_cell.angle_gamma   120.00
#
_symmetry.space_group_name_H-M   'P 31 2 1'
#
loop_
_entity.id
_entity.type
_entity.pdbx_description
1 polymer 'Glutathione S-transferase omega-1'
2 non-polymer 2-chloro-N-{4-chloro-3-[(morpholin-4-yl)sulfonyl]phenyl}acetamide
3 non-polymer 'SULFATE ION'
4 non-polymer 'L(+)-TARTARIC ACID'
5 water water
#
_entity_poly.entity_id   1
_entity_poly.type   'polypeptide(L)'
_entity_poly.pdbx_seq_one_letter_code
;SGESARSLGKGSAPPGPVPEGSIRIYSMRFCPFAERTRLVLKAKGIRHEVININLKNKPEWFFKKNPFGLVPVLENSQGQ
LIYESAITCEYLDEAYPGKKLLPDDPYEKACQKMILELFSKVPSLVGSFIRSQNKEDYAGLKEEFRKEFTKLEEVLTNKK
TTFFGGNSISMIDYLIWPWFERLEAMKLNECVDHTPKLKLWMAAMKEDPTVSALLTSEKDWQGFLELYLQNSPEACDYGL
;
_entity_poly.pdbx_strand_id   A
#
loop_
_chem_comp.id
_chem_comp.type
_chem_comp.name
_chem_comp.formula
SO4 non-polymer 'SULFATE ION' 'O4 S -2'
TLA non-polymer 'L(+)-TARTARIC ACID' 'C4 H6 O6'
XX0 non-polymer 2-chloro-N-{4-chloro-3-[(morpholin-4-yl)sulfonyl]phenyl}acetamide 'C12 H14 Cl2 N2 O4 S'
#
# COMPACT_ATOMS: atom_id res chain seq x y z
N GLY A 2 -5.14 2.80 -19.81
CA GLY A 2 -4.33 3.11 -21.00
C GLY A 2 -3.05 2.30 -21.00
N GLU A 3 -2.50 2.11 -22.20
CA GLU A 3 -1.10 1.72 -22.38
C GLU A 3 -0.20 2.78 -21.74
N SER A 4 -0.67 4.01 -21.43
CA SER A 4 0.19 5.05 -20.82
C SER A 4 0.74 4.55 -19.46
N ALA A 5 -0.02 3.69 -18.77
CA ALA A 5 0.36 3.09 -17.47
C ALA A 5 1.38 1.95 -17.66
N ARG A 6 1.75 1.55 -18.86
CA ARG A 6 2.72 0.41 -19.03
C ARG A 6 4.05 0.73 -18.30
N SER A 7 4.67 -0.25 -17.66
CA SER A 7 5.89 -0.10 -16.84
C SER A 7 7.11 0.22 -17.71
N LEU A 8 8.09 0.94 -17.15
CA LEU A 8 9.41 1.10 -17.76
C LEU A 8 10.34 0.03 -17.14
N GLY A 9 11.01 -0.70 -17.98
CA GLY A 9 11.87 -1.83 -17.60
C GLY A 9 13.27 -1.64 -18.17
N LYS A 10 14.02 -2.70 -18.07
CA LYS A 10 15.46 -2.72 -18.43
C LYS A 10 15.54 -2.21 -19.86
N GLY A 11 16.44 -1.27 -20.10
CA GLY A 11 16.64 -0.69 -21.44
C GLY A 11 15.84 0.59 -21.70
N SER A 12 14.84 0.92 -20.87
CA SER A 12 14.03 2.16 -21.01
C SER A 12 14.97 3.33 -20.85
N ALA A 13 14.66 4.45 -21.48
CA ALA A 13 15.41 5.70 -21.28
C ALA A 13 15.08 6.26 -19.90
N PRO A 14 16.10 6.80 -19.20
CA PRO A 14 15.89 7.59 -18.02
C PRO A 14 14.89 8.71 -18.31
N PRO A 15 13.86 8.88 -17.45
CA PRO A 15 12.86 9.91 -17.66
C PRO A 15 13.38 11.33 -17.41
N GLY A 16 12.65 12.27 -17.97
CA GLY A 16 13.05 13.67 -17.94
C GLY A 16 12.68 14.28 -16.59
N PRO A 17 13.03 15.55 -16.40
CA PRO A 17 12.65 16.24 -15.18
C PRO A 17 11.14 16.38 -14.99
N VAL A 18 10.78 16.37 -13.72
CA VAL A 18 9.39 16.53 -13.27
C VAL A 18 8.99 17.99 -13.45
N PRO A 19 7.90 18.24 -14.13
CA PRO A 19 7.46 19.62 -14.37
C PRO A 19 7.10 20.41 -13.10
N GLU A 20 7.40 21.69 -13.10
CA GLU A 20 6.96 22.56 -12.00
C GLU A 20 5.44 22.43 -11.83
N GLY A 21 4.96 22.37 -10.56
CA GLY A 21 3.53 22.22 -10.26
C GLY A 21 3.08 20.78 -10.08
N SER A 22 3.96 19.79 -10.35
CA SER A 22 3.64 18.35 -10.25
C SER A 22 4.70 17.66 -9.43
N ILE A 23 4.30 16.55 -8.85
CA ILE A 23 5.27 15.61 -8.22
C ILE A 23 5.12 14.29 -8.97
N ARG A 24 6.18 13.51 -9.01
CA ARG A 24 6.17 12.24 -9.74
C ARG A 24 6.27 11.13 -8.65
N ILE A 25 5.48 10.13 -8.80
CA ILE A 25 5.64 8.84 -8.10
C ILE A 25 6.09 7.76 -9.08
N TYR A 26 7.17 7.10 -8.69
CA TYR A 26 7.59 5.83 -9.22
C TYR A 26 6.90 4.76 -8.42
N SER A 27 6.07 3.99 -9.10
CA SER A 27 5.10 3.12 -8.41
C SER A 27 5.14 1.73 -9.08
N MET A 28 4.24 0.85 -8.72
CA MET A 28 3.86 -0.37 -9.50
C MET A 28 2.41 -0.63 -9.13
N ARG A 29 1.52 -0.95 -10.09
CA ARG A 29 0.06 -0.76 -9.94
C ARG A 29 -0.55 -1.69 -8.86
N PHE A 30 0.12 -2.80 -8.53
CA PHE A 30 -0.30 -3.82 -7.53
C PHE A 30 0.56 -3.85 -6.27
N CYS A 31 1.52 -2.94 -6.10
CA CYS A 31 2.38 -2.89 -4.90
CA CYS A 31 2.35 -2.93 -4.87
C CYS A 31 1.61 -2.21 -3.76
N PRO A 32 1.39 -2.85 -2.58
CA PRO A 32 0.56 -2.21 -1.55
C PRO A 32 1.37 -1.08 -0.88
N PHE A 33 2.70 -1.17 -0.81
CA PHE A 33 3.49 -0.03 -0.24
C PHE A 33 3.29 1.24 -1.05
N ALA A 34 3.38 1.14 -2.39
CA ALA A 34 3.24 2.28 -3.30
C ALA A 34 1.79 2.74 -3.24
N GLU A 35 0.83 1.82 -3.05
CA GLU A 35 -0.60 2.23 -2.92
C GLU A 35 -0.79 3.21 -1.78
N ARG A 36 -0.09 3.05 -0.69
CA ARG A 36 -0.11 4.04 0.44
C ARG A 36 0.08 5.46 -0.06
N THR A 37 1.12 5.66 -0.86
CA THR A 37 1.53 6.98 -1.38
C THR A 37 0.45 7.49 -2.32
N ARG A 38 -0.07 6.60 -3.12
CA ARG A 38 -1.09 6.99 -4.10
C ARG A 38 -2.42 7.33 -3.42
N LEU A 39 -2.79 6.62 -2.33
CA LEU A 39 -3.98 7.03 -1.52
C LEU A 39 -3.74 8.45 -0.97
N VAL A 40 -2.58 8.71 -0.43
CA VAL A 40 -2.31 10.09 0.09
C VAL A 40 -2.39 11.13 -1.02
N LEU A 41 -1.78 10.87 -2.19
CA LEU A 41 -1.79 11.82 -3.31
C LEU A 41 -3.24 12.14 -3.70
N LYS A 42 -4.11 11.14 -3.77
CA LYS A 42 -5.51 11.30 -4.13
C LYS A 42 -6.22 12.00 -3.00
N ALA A 43 -6.09 11.54 -1.75
CA ALA A 43 -6.81 12.15 -0.61
C ALA A 43 -6.49 13.64 -0.44
N LYS A 44 -5.27 14.06 -0.67
CA LYS A 44 -4.92 15.49 -0.58
C LYS A 44 -5.11 16.24 -1.93
N GLY A 45 -5.50 15.61 -3.00
CA GLY A 45 -5.71 16.29 -4.29
C GLY A 45 -4.45 16.87 -4.89
N ILE A 46 -3.35 16.15 -4.80
CA ILE A 46 -2.00 16.56 -5.24
C ILE A 46 -1.81 16.20 -6.70
N ARG A 47 -1.51 17.20 -7.55
CA ARG A 47 -1.27 16.95 -8.98
C ARG A 47 -0.01 16.14 -9.10
N HIS A 48 -0.07 15.04 -9.85
CA HIS A 48 1.09 14.14 -9.95
C HIS A 48 1.09 13.32 -11.25
N GLU A 49 2.25 12.84 -11.57
CA GLU A 49 2.43 11.86 -12.64
C GLU A 49 2.94 10.57 -12.01
N VAL A 50 2.75 9.49 -12.74
CA VAL A 50 3.09 8.13 -12.28
C VAL A 50 3.98 7.53 -13.33
N ILE A 51 5.07 6.96 -12.87
CA ILE A 51 5.94 6.05 -13.66
C ILE A 51 5.87 4.69 -13.00
N ASN A 52 5.31 3.72 -13.70
CA ASN A 52 5.34 2.34 -13.17
C ASN A 52 6.69 1.72 -13.45
N ILE A 53 7.22 0.99 -12.49
CA ILE A 53 8.48 0.19 -12.60
C ILE A 53 8.18 -1.29 -12.72
N ASN A 54 8.84 -1.93 -13.67
CA ASN A 54 8.79 -3.40 -13.81
C ASN A 54 9.76 -3.99 -12.78
N LEU A 55 9.20 -4.48 -11.69
CA LEU A 55 10.00 -4.89 -10.51
C LEU A 55 10.66 -6.26 -10.78
N LYS A 56 10.25 -6.94 -11.83
CA LYS A 56 10.94 -8.16 -12.28
C LYS A 56 12.01 -7.84 -13.34
N ASN A 57 12.10 -6.60 -13.83
CA ASN A 57 12.93 -6.28 -15.03
C ASN A 57 13.23 -4.79 -14.98
N LYS A 58 13.91 -4.39 -13.92
CA LYS A 58 14.05 -3.00 -13.49
C LYS A 58 15.05 -2.30 -14.39
N PRO A 59 14.79 -1.03 -14.71
CA PRO A 59 15.79 -0.18 -15.36
C PRO A 59 16.96 0.10 -14.40
N GLU A 60 18.18 0.04 -14.89
CA GLU A 60 19.39 0.36 -14.09
C GLU A 60 19.30 1.81 -13.60
N TRP A 61 18.73 2.74 -14.39
CA TRP A 61 18.58 4.13 -13.93
C TRP A 61 17.70 4.20 -12.68
N PHE A 62 16.86 3.21 -12.37
CA PHE A 62 15.93 3.33 -11.23
C PHE A 62 16.75 3.33 -9.93
N PHE A 63 17.93 2.70 -9.92
CA PHE A 63 18.80 2.70 -8.73
C PHE A 63 19.38 4.09 -8.42
N LYS A 64 19.35 5.00 -9.41
CA LYS A 64 19.68 6.41 -9.17
C LYS A 64 18.53 7.13 -8.50
N LYS A 65 17.30 6.61 -8.58
CA LYS A 65 16.15 7.23 -7.90
C LYS A 65 16.16 6.76 -6.44
N ASN A 66 16.39 5.47 -6.29
CA ASN A 66 16.38 4.81 -4.97
C ASN A 66 17.45 3.72 -4.98
N PRO A 67 18.53 3.87 -4.16
CA PRO A 67 19.60 2.87 -4.21
C PRO A 67 19.14 1.46 -3.80
N PHE A 68 18.06 1.36 -3.03
CA PHE A 68 17.37 0.11 -2.62
C PHE A 68 16.63 -0.50 -3.82
N GLY A 69 16.34 0.24 -4.89
CA GLY A 69 15.65 -0.34 -6.05
C GLY A 69 14.16 -0.60 -5.77
N LEU A 70 13.55 0.06 -4.79
CA LEU A 70 12.16 -0.28 -4.34
C LEU A 70 11.21 0.89 -4.68
N VAL A 71 9.99 0.59 -4.96
CA VAL A 71 8.90 1.61 -5.02
C VAL A 71 8.20 1.61 -3.66
N PRO A 72 7.53 2.72 -3.26
CA PRO A 72 7.47 3.98 -3.99
C PRO A 72 8.67 4.92 -3.82
N VAL A 73 8.85 5.84 -4.82
CA VAL A 73 9.80 6.95 -4.76
C VAL A 73 9.06 8.16 -5.23
N LEU A 74 9.24 9.25 -4.51
CA LEU A 74 8.75 10.54 -5.01
C LEU A 74 9.93 11.31 -5.57
N GLU A 75 9.69 12.02 -6.65
CA GLU A 75 10.66 12.97 -7.21
C GLU A 75 9.94 14.27 -7.50
N ASN A 76 10.45 15.42 -7.01
CA ASN A 76 9.71 16.70 -7.26
C ASN A 76 10.44 17.49 -8.36
N SER A 77 9.91 18.67 -8.73
CA SER A 77 10.49 19.57 -9.75
C SER A 77 11.86 20.07 -9.36
N GLN A 78 12.20 20.14 -8.09
CA GLN A 78 13.52 20.54 -7.58
C GLN A 78 14.47 19.36 -7.71
N GLY A 79 14.02 18.17 -8.06
CA GLY A 79 14.95 17.03 -8.14
C GLY A 79 15.16 16.25 -6.86
N GLN A 80 14.43 16.62 -5.79
CA GLN A 80 14.56 15.91 -4.52
C GLN A 80 13.89 14.52 -4.65
N LEU A 81 14.49 13.51 -4.04
CA LEU A 81 14.00 12.10 -4.04
C LEU A 81 13.67 11.68 -2.60
N ILE A 82 12.48 11.08 -2.45
CA ILE A 82 11.97 10.63 -1.12
C ILE A 82 11.53 9.20 -1.29
N TYR A 83 12.03 8.28 -0.47
CA TYR A 83 11.52 6.90 -0.51
C TYR A 83 11.35 6.36 0.89
N GLU A 84 10.79 5.14 0.88
CA GLU A 84 10.14 4.47 2.05
CA GLU A 84 10.11 4.43 2.01
C GLU A 84 8.69 4.97 2.08
N SER A 85 7.74 4.06 1.94
CA SER A 85 6.31 4.37 1.84
C SER A 85 5.89 5.30 2.95
N ALA A 86 6.12 4.97 4.22
CA ALA A 86 5.60 5.83 5.28
C ALA A 86 6.25 7.22 5.21
N ILE A 87 7.50 7.28 4.88
CA ILE A 87 8.22 8.60 4.78
C ILE A 87 7.59 9.42 3.65
N THR A 88 7.30 8.77 2.49
CA THR A 88 6.66 9.51 1.35
C THR A 88 5.33 10.11 1.82
N CYS A 89 4.54 9.34 2.58
CA CYS A 89 3.18 9.78 2.96
C CYS A 89 3.28 10.97 3.87
N GLU A 90 4.17 10.86 4.87
CA GLU A 90 4.42 11.92 5.89
CA GLU A 90 4.28 11.93 5.84
C GLU A 90 4.86 13.19 5.18
N TYR A 91 5.78 13.04 4.22
CA TYR A 91 6.35 14.16 3.46
C TYR A 91 5.19 14.87 2.73
N LEU A 92 4.37 14.10 1.99
CA LEU A 92 3.23 14.69 1.28
C LEU A 92 2.25 15.39 2.20
N ASP A 93 2.02 14.85 3.40
CA ASP A 93 1.01 15.49 4.24
C ASP A 93 1.54 16.87 4.69
N GLU A 94 2.81 16.93 4.90
CA GLU A 94 3.52 18.14 5.41
C GLU A 94 3.73 19.16 4.29
N ALA A 95 4.09 18.73 3.10
CA ALA A 95 4.59 19.64 2.03
C ALA A 95 3.43 20.25 1.25
N TYR A 96 2.22 19.69 1.31
CA TYR A 96 1.10 20.10 0.44
C TYR A 96 -0.08 20.56 1.27
N PRO A 97 -0.91 21.45 0.71
CA PRO A 97 -2.13 21.87 1.38
C PRO A 97 -3.29 20.85 1.33
N GLY A 98 -4.44 21.24 1.86
CA GLY A 98 -5.63 20.37 1.83
C GLY A 98 -5.86 19.65 3.16
N LYS A 99 -6.55 18.50 3.12
CA LYS A 99 -6.94 17.71 4.31
C LYS A 99 -5.65 17.33 5.05
N LYS A 100 -5.40 17.78 6.28
CA LYS A 100 -4.30 17.24 7.11
C LYS A 100 -4.66 15.79 7.47
N LEU A 101 -3.90 14.83 6.99
CA LEU A 101 -4.18 13.41 7.33
C LEU A 101 -3.52 13.01 8.64
N LEU A 102 -2.50 13.73 9.11
CA LEU A 102 -1.93 13.43 10.45
C LEU A 102 -2.36 14.57 11.36
N PRO A 103 -2.72 14.26 12.62
CA PRO A 103 -3.05 15.29 13.58
C PRO A 103 -1.89 16.26 13.84
N ASP A 104 -2.20 17.52 14.18
CA ASP A 104 -1.16 18.48 14.63
C ASP A 104 -0.71 18.12 16.05
N ASP A 105 -1.61 17.59 16.88
CA ASP A 105 -1.26 17.32 18.30
C ASP A 105 -0.14 16.27 18.38
N PRO A 106 1.01 16.55 19.04
CA PRO A 106 2.10 15.55 19.15
C PRO A 106 1.69 14.20 19.70
N TYR A 107 0.88 14.15 20.75
CA TYR A 107 0.43 12.89 21.29
C TYR A 107 -0.42 12.13 20.27
N GLU A 108 -1.47 12.77 19.68
CA GLU A 108 -2.32 12.05 18.72
C GLU A 108 -1.52 11.59 17.52
N LYS A 109 -0.51 12.36 17.12
CA LYS A 109 0.36 11.93 16.03
C LYS A 109 1.19 10.69 16.45
N ALA A 110 1.66 10.66 17.69
CA ALA A 110 2.43 9.49 18.17
C ALA A 110 1.49 8.28 18.22
N CYS A 111 0.21 8.48 18.60
CA CYS A 111 -0.77 7.36 18.63
C CYS A 111 -0.88 6.71 17.26
N GLN A 112 -1.01 7.50 16.20
CA GLN A 112 -1.10 6.94 14.82
C GLN A 112 0.13 6.10 14.55
N LYS A 113 1.32 6.59 14.91
CA LYS A 113 2.54 5.83 14.64
C LYS A 113 2.54 4.57 15.52
N MET A 114 1.99 4.65 16.74
CA MET A 114 2.01 3.42 17.60
C MET A 114 1.06 2.35 16.99
N ILE A 115 -0.06 2.81 16.43
CA ILE A 115 -0.96 1.84 15.72
C ILE A 115 -0.21 1.24 14.54
N LEU A 116 0.52 2.05 13.75
CA LEU A 116 1.34 1.55 12.65
C LEU A 116 2.27 0.48 13.17
N GLU A 117 2.88 0.71 14.32
CA GLU A 117 3.69 -0.32 14.98
C GLU A 117 2.87 -1.57 15.33
N LEU A 118 1.62 -1.44 15.80
CA LEU A 118 0.80 -2.65 16.10
C LEU A 118 0.66 -3.47 14.81
N PHE A 119 0.61 -2.82 13.66
CA PHE A 119 0.34 -3.44 12.33
C PHE A 119 1.60 -4.07 11.73
N SER A 120 2.79 -3.81 12.27
CA SER A 120 4.09 -3.93 11.57
C SER A 120 4.38 -5.39 11.18
N LYS A 121 3.75 -6.39 11.79
CA LYS A 121 3.98 -7.81 11.42
C LYS A 121 3.17 -8.20 10.18
N VAL A 122 2.12 -7.44 9.87
CA VAL A 122 1.15 -7.88 8.83
C VAL A 122 1.81 -7.97 7.45
N PRO A 123 2.54 -6.96 6.97
CA PRO A 123 3.15 -7.08 5.64
C PRO A 123 4.05 -8.30 5.45
N SER A 124 4.75 -8.76 6.49
N SER A 124 4.89 -8.62 6.42
CA SER A 124 5.54 -10.04 6.40
CA SER A 124 5.78 -9.81 6.29
C SER A 124 4.58 -11.26 6.33
C SER A 124 4.94 -11.11 6.16
N LEU A 125 3.48 -11.21 7.06
N LEU A 125 3.71 -11.12 6.67
CA LEU A 125 2.52 -12.34 7.13
CA LEU A 125 2.76 -12.25 6.48
C LEU A 125 1.82 -12.51 5.76
C LEU A 125 2.39 -12.44 5.01
N VAL A 126 1.55 -11.42 5.08
N VAL A 126 2.62 -11.46 4.15
CA VAL A 126 1.03 -11.45 3.66
CA VAL A 126 2.46 -11.74 2.70
C VAL A 126 2.14 -11.98 2.73
C VAL A 126 3.53 -12.74 2.22
N GLY A 127 3.35 -11.42 2.80
N GLY A 127 4.77 -12.69 2.73
CA GLY A 127 4.56 -11.92 2.10
CA GLY A 127 5.75 -13.69 2.33
C GLY A 127 4.74 -13.43 2.26
C GLY A 127 5.27 -15.04 2.80
N SER A 128 4.69 -13.92 3.50
N SER A 128 4.76 -15.10 4.02
CA SER A 128 4.68 -15.36 3.88
CA SER A 128 4.15 -16.30 4.65
C SER A 128 3.53 -16.13 3.23
C SER A 128 3.10 -16.89 3.72
N PHE A 129 2.42 -15.45 2.92
N PHE A 129 2.20 -16.05 3.20
CA PHE A 129 1.28 -15.98 2.11
CA PHE A 129 1.16 -16.49 2.23
C PHE A 129 1.80 -16.98 1.08
C PHE A 129 1.81 -17.13 0.98
N ILE A 130 2.78 -16.46 0.35
CA ILE A 130 3.47 -17.05 -0.82
C ILE A 130 4.02 -18.43 -0.49
N ARG A 131 4.60 -18.66 0.69
CA ARG A 131 5.19 -19.98 1.05
C ARG A 131 4.15 -21.01 1.46
N SER A 132 2.88 -20.63 1.66
CA SER A 132 1.78 -21.55 2.03
C SER A 132 1.38 -22.37 0.78
N GLN A 133 1.43 -23.69 0.91
CA GLN A 133 1.32 -24.62 -0.23
C GLN A 133 0.09 -25.52 -0.13
N ASN A 134 -0.51 -25.66 1.05
CA ASN A 134 -1.56 -26.64 1.33
C ASN A 134 -2.44 -26.19 2.48
N LYS A 135 -3.44 -27.01 2.75
CA LYS A 135 -4.52 -26.66 3.70
C LYS A 135 -3.92 -26.49 5.11
N GLU A 136 -2.91 -27.31 5.44
CA GLU A 136 -2.29 -27.22 6.79
C GLU A 136 -1.60 -25.86 6.89
N ASP A 137 -0.79 -25.48 5.91
CA ASP A 137 -0.09 -24.18 5.95
C ASP A 137 -1.16 -23.06 6.03
N TYR A 138 -2.26 -23.18 5.27
CA TYR A 138 -3.35 -22.17 5.22
C TYR A 138 -3.96 -21.99 6.62
N ALA A 139 -4.23 -23.10 7.32
CA ALA A 139 -4.84 -23.01 8.67
C ALA A 139 -3.88 -22.20 9.58
N GLY A 140 -2.57 -22.50 9.50
CA GLY A 140 -1.57 -21.83 10.37
C GLY A 140 -1.45 -20.37 9.98
N LEU A 141 -1.56 -20.09 8.69
CA LEU A 141 -1.46 -18.69 8.15
C LEU A 141 -2.65 -17.90 8.71
N LYS A 142 -3.87 -18.50 8.70
CA LYS A 142 -5.07 -17.78 9.18
C LYS A 142 -4.89 -17.45 10.67
N GLU A 143 -4.33 -18.37 11.46
CA GLU A 143 -4.11 -18.11 12.90
C GLU A 143 -3.15 -16.91 13.07
N GLU A 144 -2.07 -16.84 12.30
CA GLU A 144 -1.08 -15.75 12.42
C GLU A 144 -1.79 -14.41 12.16
N PHE A 145 -2.61 -14.34 11.11
CA PHE A 145 -3.36 -13.08 10.77
C PHE A 145 -4.31 -12.72 11.91
N ARG A 146 -5.02 -13.68 12.47
CA ARG A 146 -5.98 -13.45 13.59
C ARG A 146 -5.29 -12.87 14.82
N LYS A 147 -4.05 -13.25 15.13
CA LYS A 147 -3.42 -12.73 16.35
C LYS A 147 -2.97 -11.28 16.12
N GLU A 148 -2.60 -10.91 14.88
CA GLU A 148 -2.25 -9.48 14.62
C GLU A 148 -3.56 -8.69 14.57
N PHE A 149 -4.58 -9.22 13.96
CA PHE A 149 -5.87 -8.49 13.82
C PHE A 149 -6.52 -8.17 15.20
N THR A 150 -6.41 -9.08 16.19
CA THR A 150 -6.92 -8.86 17.59
C THR A 150 -6.25 -7.62 18.19
N LYS A 151 -4.98 -7.35 17.91
CA LYS A 151 -4.28 -6.13 18.42
C LYS A 151 -5.00 -4.88 17.84
N LEU A 152 -5.38 -4.93 16.55
CA LEU A 152 -6.03 -3.75 15.90
C LEU A 152 -7.47 -3.61 16.42
N GLU A 153 -8.19 -4.71 16.61
CA GLU A 153 -9.52 -4.73 17.20
C GLU A 153 -9.50 -4.03 18.56
N GLU A 154 -8.48 -4.26 19.37
CA GLU A 154 -8.43 -3.66 20.71
C GLU A 154 -8.41 -2.14 20.60
N VAL A 155 -7.67 -1.59 19.64
CA VAL A 155 -7.60 -0.11 19.50
C VAL A 155 -8.99 0.42 19.20
N LEU A 156 -9.71 -0.19 18.23
CA LEU A 156 -11.08 0.28 17.90
C LEU A 156 -12.05 0.10 19.08
N THR A 157 -11.86 -0.95 19.89
CA THR A 157 -12.75 -1.23 21.05
C THR A 157 -12.64 -0.10 22.06
N ASN A 158 -11.41 0.28 22.35
CA ASN A 158 -11.05 1.35 23.34
C ASN A 158 -11.56 2.73 22.82
N LYS A 159 -11.37 3.07 21.53
CA LYS A 159 -11.68 4.45 21.00
C LYS A 159 -13.15 4.59 20.66
N LYS A 160 -13.78 3.49 20.28
CA LYS A 160 -15.17 3.41 19.74
C LYS A 160 -15.37 4.44 18.66
N THR A 161 -14.38 4.49 17.76
CA THR A 161 -14.43 5.35 16.56
C THR A 161 -14.52 4.46 15.32
N THR A 162 -15.05 5.04 14.26
CA THR A 162 -15.24 4.41 12.91
C THR A 162 -13.83 3.92 12.43
N PHE A 163 -12.84 4.80 12.67
CA PHE A 163 -11.50 4.70 12.02
C PHE A 163 -10.41 4.73 13.06
N PHE A 164 -9.18 4.41 12.69
CA PHE A 164 -8.08 4.23 13.65
C PHE A 164 -7.66 5.57 14.25
N GLY A 165 -7.95 6.64 13.57
CA GLY A 165 -7.51 7.93 14.13
C GLY A 165 -8.69 8.77 14.57
N GLY A 166 -9.90 8.19 14.59
CA GLY A 166 -11.05 9.02 14.97
C GLY A 166 -12.26 8.73 14.15
N ASN A 167 -13.19 9.68 14.08
CA ASN A 167 -14.42 9.44 13.29
C ASN A 167 -14.18 9.78 11.83
N SER A 168 -13.18 10.61 11.51
CA SER A 168 -12.77 10.87 10.11
C SER A 168 -11.61 9.90 9.72
N ILE A 169 -11.61 9.44 8.48
CA ILE A 169 -10.43 8.66 7.95
C ILE A 169 -9.19 9.55 8.02
N SER A 170 -8.05 8.99 8.34
CA SER A 170 -6.83 9.77 8.45
C SER A 170 -5.68 8.91 7.93
N MET A 171 -4.50 9.43 8.10
CA MET A 171 -3.26 8.78 7.56
C MET A 171 -3.18 7.31 7.97
N ILE A 172 -3.40 7.00 9.26
CA ILE A 172 -3.11 5.61 9.68
C ILE A 172 -3.99 4.63 8.88
N ASP A 173 -5.23 4.95 8.65
CA ASP A 173 -6.18 4.09 7.88
C ASP A 173 -5.62 3.84 6.47
N TYR A 174 -5.15 4.90 5.80
CA TYR A 174 -4.59 4.67 4.45
C TYR A 174 -3.31 3.81 4.52
N LEU A 175 -2.53 3.94 5.60
CA LEU A 175 -1.26 3.24 5.71
C LEU A 175 -1.49 1.72 5.88
N ILE A 176 -2.56 1.30 6.52
CA ILE A 176 -2.83 -0.16 6.68
C ILE A 176 -3.81 -0.71 5.63
N TRP A 177 -4.62 0.10 4.96
CA TRP A 177 -5.69 -0.42 4.06
C TRP A 177 -5.21 -1.41 2.97
N PRO A 178 -4.07 -1.16 2.27
CA PRO A 178 -3.69 -1.98 1.13
C PRO A 178 -3.66 -3.46 1.48
N TRP A 179 -3.27 -3.80 2.71
CA TRP A 179 -3.17 -5.23 3.06
C TRP A 179 -4.55 -5.82 3.29
N PHE A 180 -5.46 -5.05 3.90
CA PHE A 180 -6.88 -5.46 4.05
C PHE A 180 -7.53 -5.57 2.68
N GLU A 181 -7.23 -4.68 1.73
CA GLU A 181 -7.77 -4.73 0.36
C GLU A 181 -7.49 -6.08 -0.28
N ARG A 182 -6.30 -6.62 0.00
CA ARG A 182 -5.82 -7.87 -0.61
C ARG A 182 -6.30 -9.13 0.13
N LEU A 183 -6.96 -9.04 1.28
CA LEU A 183 -7.33 -10.26 2.04
C LEU A 183 -8.26 -11.16 1.24
N GLU A 184 -9.29 -10.62 0.59
CA GLU A 184 -10.28 -11.44 -0.20
C GLU A 184 -9.53 -12.28 -1.23
N ALA A 185 -8.64 -11.66 -1.98
CA ALA A 185 -7.89 -12.32 -3.06
C ALA A 185 -6.97 -13.42 -2.50
N MET A 186 -6.43 -13.24 -1.28
CA MET A 186 -5.57 -14.26 -0.64
C MET A 186 -6.43 -15.34 0.07
N LYS A 187 -7.78 -15.25 0.03
CA LYS A 187 -8.70 -16.13 0.78
C LYS A 187 -8.45 -16.03 2.28
N LEU A 188 -8.17 -14.84 2.77
CA LEU A 188 -7.98 -14.59 4.21
C LEU A 188 -9.08 -13.69 4.77
N ASN A 189 -10.19 -13.45 4.04
CA ASN A 189 -11.35 -12.63 4.50
C ASN A 189 -11.86 -13.13 5.86
N GLU A 190 -11.83 -14.44 6.17
CA GLU A 190 -12.40 -15.03 7.42
C GLU A 190 -11.53 -14.74 8.65
N CYS A 191 -10.37 -14.13 8.46
CA CYS A 191 -9.46 -13.79 9.56
C CYS A 191 -10.05 -12.56 10.31
N VAL A 192 -11.01 -11.84 9.71
CA VAL A 192 -11.63 -10.69 10.43
C VAL A 192 -12.93 -11.12 11.11
N ASP A 193 -13.35 -12.38 11.01
CA ASP A 193 -14.68 -12.78 11.55
C ASP A 193 -14.73 -12.74 13.09
N HIS A 194 -13.62 -12.86 13.83
CA HIS A 194 -13.62 -12.69 15.32
C HIS A 194 -13.23 -11.29 15.72
N THR A 195 -13.13 -10.35 14.77
CA THR A 195 -12.73 -8.94 14.96
C THR A 195 -13.85 -8.08 14.36
N PRO A 196 -14.99 -7.98 15.05
CA PRO A 196 -16.16 -7.31 14.47
C PRO A 196 -16.01 -5.83 14.12
N LYS A 197 -15.31 -5.07 14.96
CA LYS A 197 -15.09 -3.63 14.64
C LYS A 197 -14.15 -3.49 13.42
N LEU A 198 -13.18 -4.37 13.31
CA LEU A 198 -12.20 -4.39 12.20
C LEU A 198 -12.94 -4.73 10.92
N LYS A 199 -13.98 -5.55 10.98
CA LYS A 199 -14.74 -5.97 9.82
C LYS A 199 -15.65 -4.81 9.37
N LEU A 200 -16.20 -4.07 10.31
CA LEU A 200 -17.00 -2.86 9.99
C LEU A 200 -16.09 -1.75 9.45
N TRP A 201 -14.90 -1.62 10.00
CA TRP A 201 -13.86 -0.67 9.49
C TRP A 201 -13.50 -0.94 8.03
N MET A 202 -13.46 -2.21 7.58
CA MET A 202 -13.19 -2.55 6.17
C MET A 202 -14.33 -2.10 5.28
N ALA A 203 -15.58 -2.25 5.76
CA ALA A 203 -16.78 -1.84 5.00
C ALA A 203 -16.79 -0.30 4.86
N ALA A 204 -16.44 0.43 5.91
CA ALA A 204 -16.35 1.93 5.95
C ALA A 204 -15.23 2.37 5.03
N MET A 205 -14.11 1.66 5.01
CA MET A 205 -12.98 2.04 4.12
C MET A 205 -13.42 1.95 2.67
N LYS A 206 -14.11 0.84 2.30
CA LYS A 206 -14.45 0.62 0.90
C LYS A 206 -15.42 1.71 0.44
N GLU A 207 -16.10 2.41 1.34
CA GLU A 207 -17.02 3.55 1.01
C GLU A 207 -16.25 4.87 0.86
N ASP A 208 -15.01 4.96 1.33
CA ASP A 208 -14.27 6.25 1.30
C ASP A 208 -14.04 6.59 -0.17
N PRO A 209 -14.28 7.85 -0.63
CA PRO A 209 -14.04 8.15 -2.03
C PRO A 209 -12.61 7.87 -2.55
N THR A 210 -11.64 8.11 -1.71
CA THR A 210 -10.22 7.88 -2.11
C THR A 210 -10.00 6.40 -2.29
N VAL A 211 -10.40 5.62 -1.29
CA VAL A 211 -10.20 4.17 -1.37
C VAL A 211 -10.90 3.63 -2.61
N SER A 212 -12.19 3.99 -2.80
CA SER A 212 -13.02 3.42 -3.87
C SER A 212 -12.35 3.79 -5.20
N ALA A 213 -11.79 5.03 -5.32
CA ALA A 213 -11.18 5.45 -6.59
C ALA A 213 -9.94 4.64 -6.96
N LEU A 214 -9.26 4.00 -5.99
CA LEU A 214 -8.01 3.28 -6.24
C LEU A 214 -8.18 1.77 -6.14
N LEU A 215 -9.31 1.29 -5.72
CA LEU A 215 -9.49 -0.13 -5.44
C LEU A 215 -9.29 -0.94 -6.71
N THR A 216 -8.58 -2.06 -6.60
CA THR A 216 -8.36 -3.04 -7.68
C THR A 216 -9.34 -4.20 -7.49
N SER A 217 -9.93 -4.68 -8.56
CA SER A 217 -10.79 -5.90 -8.51
C SER A 217 -10.02 -7.16 -8.07
N GLU A 218 -10.68 -8.14 -7.45
CA GLU A 218 -10.07 -9.47 -7.16
C GLU A 218 -9.47 -10.15 -8.42
N LYS A 219 -10.20 -10.16 -9.51
CA LYS A 219 -9.73 -10.71 -10.83
C LYS A 219 -8.38 -10.09 -11.24
N ASP A 220 -8.22 -8.76 -11.07
CA ASP A 220 -6.98 -8.06 -11.45
C ASP A 220 -5.87 -8.48 -10.51
N TRP A 221 -6.10 -8.46 -9.18
CA TRP A 221 -5.01 -8.87 -8.25
CA TRP A 221 -5.19 -8.98 -8.12
C TRP A 221 -4.63 -10.35 -8.50
N GLN A 222 -5.57 -11.24 -8.88
CA GLN A 222 -5.17 -12.69 -9.11
C GLN A 222 -4.28 -12.82 -10.36
N GLY A 223 -4.57 -12.00 -11.38
CA GLY A 223 -3.86 -12.02 -12.68
C GLY A 223 -2.44 -11.61 -12.37
N PHE A 224 -2.29 -10.55 -11.58
CA PHE A 224 -0.95 -10.09 -11.18
C PHE A 224 -0.24 -11.24 -10.46
N LEU A 225 -0.89 -11.85 -9.44
CA LEU A 225 -0.17 -12.68 -8.45
C LEU A 225 0.33 -13.98 -9.13
N GLU A 226 -0.50 -14.48 -10.03
CA GLU A 226 -0.17 -15.75 -10.78
CA GLU A 226 -0.22 -15.70 -10.84
C GLU A 226 1.05 -15.50 -11.65
N LEU A 227 1.14 -14.32 -12.30
CA LEU A 227 2.34 -13.95 -13.11
C LEU A 227 3.48 -13.65 -12.16
N TYR A 228 3.24 -12.95 -11.03
CA TYR A 228 4.34 -12.58 -10.11
CA TYR A 228 4.31 -12.59 -10.08
C TYR A 228 4.91 -13.89 -9.53
N LEU A 229 4.05 -14.88 -9.33
CA LEU A 229 4.44 -16.22 -8.78
C LEU A 229 5.11 -17.08 -9.87
N GLN A 230 4.67 -17.01 -11.14
CA GLN A 230 5.38 -17.67 -12.26
C GLN A 230 6.71 -16.92 -12.49
N ASN A 231 6.97 -15.76 -11.83
CA ASN A 231 8.22 -14.98 -12.02
C ASN A 231 8.24 -14.25 -13.38
N SER A 232 7.10 -13.76 -13.85
CA SER A 232 6.92 -13.19 -15.21
C SER A 232 7.37 -11.72 -15.28
N PRO A 233 8.20 -11.33 -16.27
CA PRO A 233 8.44 -9.92 -16.48
C PRO A 233 7.13 -9.21 -16.84
N GLU A 234 6.06 -9.93 -17.14
CA GLU A 234 4.84 -9.27 -17.64
C GLU A 234 3.85 -9.09 -16.45
N ALA A 235 4.20 -9.50 -15.25
CA ALA A 235 3.26 -9.47 -14.11
C ALA A 235 2.81 -8.04 -13.83
N CYS A 236 3.75 -7.10 -13.76
CA CYS A 236 3.41 -5.72 -13.38
C CYS A 236 2.48 -5.09 -14.39
N ASP A 237 2.47 -5.56 -15.64
CA ASP A 237 1.66 -4.96 -16.75
C ASP A 237 0.40 -5.80 -16.99
N TYR A 238 0.01 -6.59 -16.01
CA TYR A 238 -1.19 -7.45 -16.15
C TYR A 238 -2.32 -6.53 -16.53
N GLY A 239 -3.08 -6.94 -17.56
CA GLY A 239 -4.25 -6.19 -18.08
C GLY A 239 -3.92 -5.19 -19.18
N LEU A 240 -2.65 -4.87 -19.39
CA LEU A 240 -2.33 -3.82 -20.37
C LEU A 240 -1.73 -4.49 -21.61
C1 XX0 B . 6.10 -2.76 -4.08
C1 XX0 B . 5.38 -4.59 -5.00
C2 XX0 B . 5.95 -4.23 -3.57
C2 XX0 B . 4.44 -5.72 -5.19
O2 XX0 B . 5.11 -4.97 -4.03
O2 XX0 B . 3.31 -5.42 -5.55
N3 XX0 B . 6.67 -4.53 -2.48
N3 XX0 B . 4.91 -6.90 -4.91
C4 XX0 B . 6.44 -5.75 -1.91
C4 XX0 B . 4.13 -7.86 -4.60
C51 XX0 B . 5.17 -6.36 -1.99
C51 XX0 B . 2.89 -7.60 -4.07
C52 XX0 B . 7.39 -6.34 -1.14
C52 XX0 B . 4.62 -9.17 -4.61
C62 XX0 B . 7.13 -7.55 -0.52
C62 XX0 B . 3.81 -10.21 -4.18
C7 XX0 B . 5.91 -8.13 -0.59
C7 XX0 B . 2.53 -9.98 -3.68
CL7 XX0 B . 5.76 -9.45 0.10
CL7 XX0 B . 1.61 -11.50 -3.05
C61 XX0 B . 4.91 -7.56 -1.36
C61 XX0 B . 2.08 -8.64 -3.62
S7 XX0 B . 3.28 -8.33 -1.56
S7 XX0 B . 0.52 -8.27 -2.98
O71 XX0 B . 2.39 -7.46 -2.27
O71 XX0 B . 0.27 -6.87 -3.04
O72 XX0 B . 3.09 -8.66 -0.14
O72 XX0 B . 0.59 -8.85 -1.63
N8 XX0 B . 3.32 -9.52 -2.37
N8 XX0 B . -0.57 -8.89 -4.01
C91 XX0 B . 2.04 -10.28 -2.59
C91 XX0 B . -1.14 -7.92 -5.00
CA1 XX0 B . 2.35 -11.76 -2.89
CA1 XX0 B . -2.70 -8.10 -5.41
OB XX0 B . 3.35 -11.82 -3.92
OB XX0 B . -3.40 -9.16 -4.63
CA2 XX0 B . 3.46 -10.53 -4.63
CA2 XX0 B . -2.48 -10.26 -4.54
C92 XX0 B . 3.98 -9.40 -3.67
C92 XX0 B . -1.49 -9.89 -3.47
S SO4 C . -3.03 7.01 -9.59
O1 SO4 C . -2.76 8.35 -9.90
O2 SO4 C . -2.23 6.11 -10.39
O3 SO4 C . -2.83 6.72 -8.23
O4 SO4 C . -4.42 6.77 -9.89
S SO4 D . 6.73 -18.91 6.99
O1 SO4 D . 6.52 -17.50 6.87
O2 SO4 D . 7.13 -19.46 5.72
O3 SO4 D . 7.75 -19.16 7.97
O4 SO4 D . 5.50 -19.55 7.42
S SO4 E . 6.45 22.71 -7.40
O1 SO4 E . 7.41 23.68 -6.89
O2 SO4 E . 6.89 22.25 -8.68
O3 SO4 E . 5.15 23.36 -7.52
O4 SO4 E . 6.33 21.60 -6.48
S SO4 F . -4.12 1.97 -12.35
O1 SO4 F . -5.17 2.97 -12.39
O2 SO4 F . -3.26 2.20 -13.51
O3 SO4 F . -3.43 2.11 -11.06
O4 SO4 F . -4.67 0.65 -12.46
O1 TLA G . 9.02 -3.33 -1.35
O11 TLA G . 9.98 -3.43 0.68
C1 TLA G . 9.19 -2.92 -0.16
C2 TLA G . 8.40 -1.72 0.33
O2 TLA G . 7.77 -1.15 -0.83
C3 TLA G . 9.23 -0.60 0.90
O3 TLA G . 9.98 -0.14 -0.24
C4 TLA G . 8.45 0.61 1.39
O4 TLA G . 8.44 1.56 0.67
O41 TLA G . 7.87 0.64 2.46
#